data_3NFZ
#
_entry.id   3NFZ
#
_cell.length_a   93.498
_cell.length_b   93.498
_cell.length_c   98.037
_cell.angle_alpha   90.00
_cell.angle_beta   90.00
_cell.angle_gamma   120.00
#
_symmetry.space_group_name_H-M   'P 62'
#
loop_
_entity.id
_entity.type
_entity.pdbx_description
1 polymer Aspartoacylase-2
2 non-polymer 'ZINC ION'
3 non-polymer 'CHLORIDE ION'
4 non-polymer N-acetyl-L-tyrosine
5 water water
#
_entity_poly.entity_id   1
_entity_poly.type   'polypeptide(L)'
_entity_poly.pdbx_seq_one_letter_code
;MWSHPQFEKMSSLPGSREPLLRVAVTGGTHGNEMCGVYLARYWLQNPGELQRPSFSAMPVLANPAATAACCRYLDRDLNR
SCTLTFLGSTATPDDPYEVKRARELNQLLGPKGTGQAFDFTLDLHNTTANTGVCLISESNISFNLHLCHYLQRQNPGMPC
RLFLYEPAGTETFSVESISKNGICLAMGPQPQGVLRADLFSRMRALVASILDFIELFNQGMDLPAFEMDIYRNLGSVDFP
RTADGDLAGTVHPQLQDHDFEPLRPGEPIFKLFSGEDVLYEGDSIVYPVFINEAAYYEKHVAFLKSEKIRVTVPALLRLT
PRSTQTP
;
_entity_poly.pdbx_strand_id   A
#
loop_
_chem_comp.id
_chem_comp.type
_chem_comp.name
_chem_comp.formula
CL non-polymer 'CHLORIDE ION' 'Cl -1'
ZN non-polymer 'ZINC ION' 'Zn 2'
#
# COMPACT_ATOMS: atom_id res chain seq x y z
N SER A 16 -2.24 26.67 -13.66
CA SER A 16 -2.98 25.54 -14.21
C SER A 16 -2.31 24.20 -13.88
N ARG A 17 -2.83 23.14 -14.51
CA ARG A 17 -2.41 21.78 -14.19
C ARG A 17 -0.97 21.44 -14.58
N GLU A 18 -0.22 20.90 -13.62
CA GLU A 18 1.12 20.37 -13.90
C GLU A 18 1.05 18.87 -14.21
N PRO A 19 1.57 18.46 -15.37
CA PRO A 19 1.53 17.05 -15.73
C PRO A 19 2.52 16.24 -14.91
N LEU A 20 2.24 14.95 -14.73
CA LEU A 20 3.18 14.07 -14.04
C LEU A 20 4.07 13.40 -15.08
N LEU A 21 5.31 13.86 -15.13
CA LEU A 21 6.25 13.39 -16.15
C LEU A 21 7.30 12.44 -15.59
N ARG A 22 7.59 12.55 -14.30
CA ARG A 22 8.55 11.64 -13.68
C ARG A 22 7.82 10.68 -12.76
N VAL A 23 7.57 9.49 -13.30
CA VAL A 23 6.68 8.54 -12.65
C VAL A 23 7.42 7.22 -12.47
N ALA A 24 7.35 6.65 -11.27
CA ALA A 24 8.03 5.39 -11.01
C ALA A 24 7.03 4.31 -10.59
N VAL A 25 7.32 3.05 -10.92
CA VAL A 25 6.58 1.92 -10.36
C VAL A 25 7.57 1.05 -9.61
N THR A 26 7.38 0.90 -8.30
CA THR A 26 8.34 0.15 -7.50
C THR A 26 7.73 -1.19 -7.16
N GLY A 27 8.50 -2.26 -7.34
CA GLY A 27 8.08 -3.59 -6.92
C GLY A 27 9.13 -4.16 -5.98
N GLY A 28 8.77 -5.17 -5.19
CA GLY A 28 9.73 -5.77 -4.27
C GLY A 28 10.22 -4.85 -3.16
N THR A 29 9.41 -3.88 -2.75
CA THR A 29 9.70 -3.09 -1.56
C THR A 29 9.84 -4.06 -0.37
N HIS A 30 9.02 -5.11 -0.40
CA HIS A 30 9.20 -6.29 0.44
C HIS A 30 9.54 -7.46 -0.49
N GLY A 31 10.68 -8.10 -0.25
CA GLY A 31 11.27 -9.03 -1.21
C GLY A 31 10.51 -10.33 -1.44
N ASN A 32 9.54 -10.64 -0.58
CA ASN A 32 8.78 -11.88 -0.72
C ASN A 32 7.34 -11.66 -1.19
N GLU A 33 7.05 -10.45 -1.65
CA GLU A 33 5.73 -10.14 -2.20
C GLU A 33 5.80 -10.23 -3.72
N MET A 34 5.35 -11.37 -4.23
CA MET A 34 5.80 -11.83 -5.55
C MET A 34 5.27 -11.11 -6.78
N CYS A 35 4.07 -10.52 -6.73
CA CYS A 35 3.56 -9.83 -7.93
C CYS A 35 4.49 -8.68 -8.31
N GLY A 36 4.78 -7.81 -7.34
CA GLY A 36 5.61 -6.65 -7.59
C GLY A 36 7.03 -7.03 -7.95
N VAL A 37 7.55 -8.08 -7.29
CA VAL A 37 8.89 -8.56 -7.59
C VAL A 37 8.98 -8.94 -9.08
N TYR A 38 8.03 -9.75 -9.53
CA TYR A 38 8.13 -10.28 -10.90
C TYR A 38 7.67 -9.28 -11.96
N LEU A 39 6.73 -8.41 -11.64
CA LEU A 39 6.39 -7.31 -12.52
C LEU A 39 7.59 -6.37 -12.72
N ALA A 40 8.24 -5.98 -11.62
CA ALA A 40 9.42 -5.12 -11.72
C ALA A 40 10.52 -5.77 -12.55
N ARG A 41 10.81 -7.04 -12.29
CA ARG A 41 11.82 -7.78 -13.07
C ARG A 41 11.42 -7.89 -14.54
N TYR A 42 10.15 -8.17 -14.78
CA TYR A 42 9.68 -8.28 -16.15
C TYR A 42 9.81 -6.96 -16.92
N TRP A 43 9.40 -5.86 -16.29
CA TRP A 43 9.40 -4.55 -16.93
C TRP A 43 10.81 -4.00 -17.12
N LEU A 44 11.73 -4.40 -16.26
CA LEU A 44 13.12 -3.99 -16.41
C LEU A 44 13.67 -4.62 -17.69
N GLN A 45 13.20 -5.82 -18.02
CA GLN A 45 13.56 -6.47 -19.29
C GLN A 45 12.71 -5.96 -20.43
N ASN A 46 11.46 -5.57 -20.13
CA ASN A 46 10.53 -5.14 -21.17
C ASN A 46 9.76 -3.89 -20.78
N PRO A 47 10.42 -2.72 -20.84
CA PRO A 47 9.88 -1.45 -20.36
C PRO A 47 8.78 -0.86 -21.26
N GLY A 48 8.59 -1.43 -22.45
CA GLY A 48 7.70 -0.83 -23.44
C GLY A 48 6.32 -0.65 -22.89
N GLU A 49 5.92 -1.62 -22.08
CA GLU A 49 4.64 -1.68 -21.43
C GLU A 49 4.36 -0.45 -20.57
N LEU A 50 5.41 0.20 -20.07
CA LEU A 50 5.24 1.33 -19.15
C LEU A 50 5.26 2.69 -19.84
N GLN A 51 5.26 2.67 -21.17
CA GLN A 51 5.34 3.91 -21.91
C GLN A 51 3.94 4.40 -22.30
N ARG A 52 3.74 5.71 -22.17
CA ARG A 52 2.52 6.37 -22.63
C ARG A 52 2.94 7.57 -23.47
N PRO A 53 2.00 8.15 -24.23
CA PRO A 53 2.38 9.27 -25.11
C PRO A 53 3.08 10.43 -24.39
N SER A 54 2.64 10.80 -23.19
CA SER A 54 3.20 11.98 -22.52
C SER A 54 4.35 11.66 -21.55
N PHE A 55 4.51 10.39 -21.19
CA PHE A 55 5.52 10.03 -20.21
C PHE A 55 5.83 8.54 -20.26
N SER A 56 6.94 8.16 -19.63
CA SER A 56 7.28 6.75 -19.45
C SER A 56 7.56 6.51 -17.98
N ALA A 57 6.98 5.46 -17.41
CA ALA A 57 7.19 5.18 -15.99
C ALA A 57 8.45 4.34 -15.81
N MET A 58 9.23 4.63 -14.78
CA MET A 58 10.45 3.90 -14.52
C MET A 58 10.17 2.74 -13.56
N PRO A 59 10.38 1.49 -14.02
CA PRO A 59 10.23 0.37 -13.08
C PRO A 59 11.45 0.28 -12.15
N VAL A 60 11.21 0.00 -10.88
CA VAL A 60 12.29 -0.07 -9.91
C VAL A 60 12.10 -1.27 -8.99
N LEU A 61 13.14 -2.06 -8.82
CA LEU A 61 13.12 -3.11 -7.82
C LEU A 61 13.61 -2.48 -6.50
N ALA A 62 12.68 -2.25 -5.57
CA ALA A 62 12.95 -1.41 -4.40
C ALA A 62 13.93 -2.02 -3.40
N ASN A 63 13.78 -3.33 -3.12
CA ASN A 63 14.67 -4.00 -2.17
C ASN A 63 15.32 -5.21 -2.82
N PRO A 64 16.45 -4.97 -3.50
CA PRO A 64 17.16 -5.99 -4.28
C PRO A 64 17.67 -7.14 -3.42
N ALA A 65 18.33 -6.84 -2.32
CA ALA A 65 18.85 -7.94 -1.50
C ALA A 65 17.73 -8.80 -0.87
N ALA A 66 16.65 -8.17 -0.40
CA ALA A 66 15.55 -8.94 0.17
C ALA A 66 14.91 -9.78 -0.93
N THR A 67 14.74 -9.19 -2.10
CA THR A 67 14.16 -9.90 -3.22
C THR A 67 15.01 -11.13 -3.57
N ALA A 68 16.33 -10.96 -3.63
CA ALA A 68 17.22 -12.08 -3.96
C ALA A 68 17.11 -13.20 -2.94
N ALA A 69 16.85 -12.84 -1.69
CA ALA A 69 16.75 -13.83 -0.63
C ALA A 69 15.30 -14.29 -0.45
N CYS A 70 14.40 -13.70 -1.23
CA CYS A 70 12.97 -13.91 -1.04
C CYS A 70 12.52 -13.78 0.41
N CYS A 71 12.77 -12.62 1.01
CA CYS A 71 12.27 -12.37 2.36
C CYS A 71 11.74 -10.94 2.39
N ARG A 72 10.92 -10.63 3.40
CA ARG A 72 10.37 -9.28 3.53
C ARG A 72 11.46 -8.20 3.59
N TYR A 73 12.45 -8.41 4.45
CA TYR A 73 13.57 -7.48 4.59
C TYR A 73 14.77 -8.19 5.23
N LEU A 74 15.94 -7.59 5.09
CA LEU A 74 17.16 -8.12 5.72
C LEU A 74 17.35 -7.65 7.17
N ASP A 75 17.41 -6.34 7.36
CA ASP A 75 17.69 -5.78 8.68
C ASP A 75 16.50 -5.05 9.24
N ARG A 76 15.81 -4.33 8.36
CA ARG A 76 14.73 -3.47 8.80
C ARG A 76 13.71 -3.34 7.67
N ASP A 77 12.44 -3.17 8.03
CA ASP A 77 11.36 -3.02 7.05
C ASP A 77 11.63 -1.79 6.17
N LEU A 78 11.87 -2.00 4.88
CA LEU A 78 12.17 -0.86 4.00
C LEU A 78 11.02 0.15 4.00
N ASN A 79 9.79 -0.36 4.06
CA ASN A 79 8.63 0.51 4.05
C ASN A 79 8.38 1.22 5.39
N ARG A 80 9.34 1.11 6.30
CA ARG A 80 9.35 1.91 7.52
C ARG A 80 10.68 2.66 7.66
N SER A 81 11.48 2.69 6.59
CA SER A 81 12.82 3.27 6.69
C SER A 81 13.01 4.58 5.94
N CYS A 82 11.91 5.16 5.46
CA CYS A 82 12.04 6.36 4.63
C CYS A 82 11.56 7.66 5.34
N THR A 83 11.90 7.79 6.62
CA THR A 83 11.69 9.04 7.34
C THR A 83 12.83 10.01 7.04
N LEU A 84 12.53 11.30 7.10
CA LEU A 84 13.57 12.32 6.95
C LEU A 84 14.74 12.09 7.90
N THR A 85 14.44 11.56 9.08
CA THR A 85 15.48 11.29 10.07
C THR A 85 16.46 10.24 9.57
N PHE A 86 15.92 9.12 9.09
CA PHE A 86 16.76 8.08 8.51
C PHE A 86 17.52 8.59 7.28
N LEU A 87 16.80 9.22 6.37
CA LEU A 87 17.36 9.68 5.09
C LEU A 87 18.42 10.76 5.30
N GLY A 88 18.20 11.59 6.31
CA GLY A 88 19.09 12.72 6.58
C GLY A 88 20.27 12.39 7.48
N SER A 89 20.24 11.24 8.14
CA SER A 89 21.30 10.87 9.08
C SER A 89 22.60 10.51 8.37
N THR A 90 23.71 10.70 9.07
CA THR A 90 25.05 10.40 8.55
C THR A 90 25.25 8.90 8.38
N ALA A 91 25.82 8.50 7.23
CA ALA A 91 26.00 7.09 6.94
C ALA A 91 26.93 6.39 7.93
N THR A 92 26.95 5.07 7.87
CA THR A 92 27.76 4.24 8.76
C THR A 92 27.81 2.86 8.14
N PRO A 93 28.98 2.19 8.24
CA PRO A 93 29.08 0.81 7.76
C PRO A 93 28.05 -0.09 8.45
N ASP A 94 27.74 0.23 9.71
CA ASP A 94 26.87 -0.61 10.52
C ASP A 94 25.40 -0.22 10.43
N ASP A 95 25.05 0.62 9.46
CA ASP A 95 23.65 0.96 9.20
C ASP A 95 22.89 -0.26 8.71
N PRO A 96 21.62 -0.37 9.11
CA PRO A 96 20.76 -1.42 8.53
C PRO A 96 20.83 -1.35 7.00
N TYR A 97 20.85 -2.52 6.36
CA TYR A 97 20.84 -2.59 4.91
C TYR A 97 19.74 -1.69 4.31
N GLU A 98 18.52 -1.83 4.82
CA GLU A 98 17.37 -1.09 4.30
C GLU A 98 17.47 0.42 4.52
N VAL A 99 18.17 0.83 5.58
CA VAL A 99 18.44 2.25 5.73
C VAL A 99 19.36 2.73 4.60
N LYS A 100 20.38 1.93 4.29
CA LYS A 100 21.27 2.24 3.18
C LYS A 100 20.50 2.30 1.85
N ARG A 101 19.61 1.35 1.64
CA ARG A 101 18.83 1.30 0.40
C ARG A 101 17.80 2.45 0.33
N ALA A 102 17.23 2.81 1.48
CA ALA A 102 16.33 3.96 1.54
C ALA A 102 17.03 5.22 1.04
N ARG A 103 18.29 5.41 1.41
CA ARG A 103 19.07 6.57 0.94
C ARG A 103 19.28 6.57 -0.56
N GLU A 104 19.49 5.39 -1.14
CA GLU A 104 19.59 5.25 -2.59
C GLU A 104 18.29 5.60 -3.29
N LEU A 105 17.17 5.15 -2.74
CA LEU A 105 15.86 5.45 -3.30
C LEU A 105 15.59 6.94 -3.14
N ASN A 106 16.06 7.52 -2.05
CA ASN A 106 15.97 8.95 -1.86
C ASN A 106 16.75 9.70 -2.96
N GLN A 107 17.91 9.17 -3.35
CA GLN A 107 18.68 9.78 -4.43
C GLN A 107 17.95 9.59 -5.76
N LEU A 108 17.37 8.41 -5.95
CA LEU A 108 16.76 8.08 -7.22
C LEU A 108 15.44 8.83 -7.41
N LEU A 109 14.61 8.80 -6.37
CA LEU A 109 13.24 9.29 -6.47
C LEU A 109 13.00 10.58 -5.71
N GLY A 110 13.98 11.03 -4.94
CA GLY A 110 13.84 12.26 -4.17
C GLY A 110 14.81 13.32 -4.67
N PRO A 111 15.46 14.04 -3.75
CA PRO A 111 15.34 13.90 -2.29
C PRO A 111 13.93 14.21 -1.76
N LYS A 112 13.44 13.39 -0.83
CA LYS A 112 12.13 13.59 -0.21
C LYS A 112 11.96 15.01 0.31
N GLY A 113 10.83 15.63 -0.03
CA GLY A 113 10.54 16.99 0.44
C GLY A 113 11.22 18.11 -0.34
N THR A 114 11.91 17.80 -1.44
CA THR A 114 12.45 18.86 -2.29
C THR A 114 11.77 18.87 -3.65
N GLY A 115 12.06 19.91 -4.43
CA GLY A 115 11.50 20.06 -5.75
C GLY A 115 12.06 19.09 -6.79
N GLN A 116 13.13 18.39 -6.45
CA GLN A 116 13.72 17.38 -7.33
C GLN A 116 12.97 16.02 -7.28
N ALA A 117 12.16 15.80 -6.25
CA ALA A 117 11.48 14.52 -6.10
C ALA A 117 10.64 14.15 -7.35
N PHE A 118 10.47 12.86 -7.60
CA PHE A 118 9.56 12.38 -8.64
C PHE A 118 8.15 12.91 -8.45
N ASP A 119 7.40 13.02 -9.54
CA ASP A 119 6.02 13.49 -9.47
C ASP A 119 5.11 12.45 -8.79
N PHE A 120 5.36 11.16 -9.03
CA PHE A 120 4.48 10.12 -8.49
C PHE A 120 5.17 8.77 -8.44
N THR A 121 5.01 8.05 -7.33
CA THR A 121 5.48 6.67 -7.26
C THR A 121 4.32 5.71 -6.96
N LEU A 122 4.13 4.72 -7.82
CA LEU A 122 3.18 3.65 -7.56
C LEU A 122 3.95 2.47 -6.95
N ASP A 123 3.62 2.10 -5.71
CA ASP A 123 4.33 1.02 -5.00
C ASP A 123 3.44 -0.23 -4.87
N LEU A 124 3.94 -1.38 -5.31
CA LEU A 124 3.14 -2.61 -5.39
C LEU A 124 3.32 -3.56 -4.19
N HIS A 125 2.22 -4.00 -3.61
CA HIS A 125 2.28 -4.86 -2.43
C HIS A 125 1.36 -6.07 -2.58
N ASN A 126 1.70 -7.14 -1.88
CA ASN A 126 0.77 -8.24 -1.63
C ASN A 126 0.54 -8.39 -0.16
N THR A 127 -0.58 -9.00 0.20
CA THR A 127 -0.88 -9.32 1.58
C THR A 127 -1.41 -10.75 1.64
N THR A 128 -1.18 -11.43 2.76
CA THR A 128 -1.81 -12.72 3.00
C THR A 128 -3.24 -12.56 3.52
N ALA A 129 -3.67 -11.32 3.77
CA ALA A 129 -5.05 -11.08 4.20
C ALA A 129 -5.95 -11.08 2.96
N ASN A 130 -7.22 -11.42 3.14
CA ASN A 130 -8.17 -11.44 2.03
C ASN A 130 -8.69 -10.04 1.64
N THR A 131 -7.79 -9.14 1.27
CA THR A 131 -8.18 -7.77 1.00
C THR A 131 -8.80 -7.54 -0.38
N GLY A 132 -8.52 -8.41 -1.35
CA GLY A 132 -8.86 -8.08 -2.72
C GLY A 132 -7.99 -6.88 -3.10
N VAL A 133 -8.48 -6.06 -4.01
CA VAL A 133 -7.74 -4.91 -4.51
C VAL A 133 -7.87 -3.69 -3.59
N CYS A 134 -6.76 -3.22 -3.06
CA CYS A 134 -6.80 -2.10 -2.12
C CYS A 134 -5.76 -1.05 -2.49
N LEU A 135 -6.17 0.21 -2.58
CA LEU A 135 -5.25 1.33 -2.78
C LEU A 135 -5.01 1.97 -1.42
N ILE A 136 -3.76 2.02 -1.00
CA ILE A 136 -3.44 2.62 0.29
C ILE A 136 -2.83 3.99 0.06
N SER A 137 -3.48 5.02 0.60
CA SER A 137 -3.05 6.40 0.41
C SER A 137 -2.75 7.00 1.79
N GLU A 138 -1.68 7.78 1.87
CA GLU A 138 -1.28 8.33 3.15
C GLU A 138 -1.82 9.74 3.37
N SER A 139 -2.60 10.22 2.41
CA SER A 139 -3.32 11.48 2.57
C SER A 139 -4.59 11.43 1.76
N ASN A 140 -5.47 12.41 1.97
CA ASN A 140 -6.71 12.49 1.22
C ASN A 140 -6.59 13.33 -0.07
N ILE A 141 -5.38 13.42 -0.61
CA ILE A 141 -5.16 14.20 -1.84
C ILE A 141 -6.12 13.79 -2.95
N SER A 142 -6.80 14.75 -3.54
CA SER A 142 -7.94 14.46 -4.41
C SER A 142 -7.53 13.63 -5.64
N PHE A 143 -6.32 13.88 -6.15
CA PHE A 143 -5.80 13.08 -7.26
C PHE A 143 -5.86 11.59 -6.95
N ASN A 144 -5.47 11.20 -5.73
CA ASN A 144 -5.47 9.77 -5.37
C ASN A 144 -6.86 9.16 -5.31
N LEU A 145 -7.84 9.93 -4.85
CA LEU A 145 -9.23 9.50 -4.80
C LEU A 145 -9.86 9.40 -6.20
N HIS A 146 -9.55 10.37 -7.07
CA HIS A 146 -9.96 10.29 -8.47
C HIS A 146 -9.36 9.02 -9.15
N LEU A 147 -8.09 8.76 -8.89
CA LEU A 147 -7.43 7.55 -9.39
C LEU A 147 -8.21 6.27 -8.98
N CYS A 148 -8.54 6.16 -7.70
CA CYS A 148 -9.32 5.00 -7.21
C CYS A 148 -10.67 4.92 -7.90
N HIS A 149 -11.36 6.06 -7.97
CA HIS A 149 -12.67 6.14 -8.62
C HIS A 149 -12.56 5.66 -10.09
N TYR A 150 -11.50 6.08 -10.78
CA TYR A 150 -11.28 5.65 -12.15
C TYR A 150 -11.12 4.13 -12.25
N LEU A 151 -10.30 3.55 -11.37
CA LEU A 151 -10.14 2.09 -11.35
C LEU A 151 -11.45 1.37 -11.08
N GLN A 152 -12.26 1.88 -10.16
CA GLN A 152 -13.57 1.28 -9.88
C GLN A 152 -14.46 1.25 -11.12
N ARG A 153 -14.53 2.37 -11.82
CA ARG A 153 -15.33 2.48 -13.04
C ARG A 153 -14.80 1.61 -14.18
N GLN A 154 -13.48 1.48 -14.28
CA GLN A 154 -12.90 0.60 -15.29
C GLN A 154 -13.17 -0.88 -14.99
N ASN A 155 -13.52 -1.19 -13.74
CA ASN A 155 -13.70 -2.58 -13.32
C ASN A 155 -15.02 -2.85 -12.57
N PRO A 156 -16.15 -2.70 -13.27
CA PRO A 156 -17.48 -2.93 -12.70
C PRO A 156 -17.52 -4.27 -12.00
N GLY A 157 -18.07 -4.31 -10.79
CA GLY A 157 -18.22 -5.56 -10.08
C GLY A 157 -16.95 -6.09 -9.43
N MET A 158 -15.85 -5.35 -9.57
CA MET A 158 -14.63 -5.67 -8.83
C MET A 158 -14.39 -4.64 -7.73
N PRO A 159 -14.42 -5.09 -6.46
CA PRO A 159 -14.12 -4.12 -5.40
C PRO A 159 -12.74 -3.51 -5.60
N CYS A 160 -12.68 -2.20 -5.44
CA CYS A 160 -11.42 -1.49 -5.46
C CYS A 160 -11.56 -0.45 -4.35
N ARG A 161 -10.91 -0.71 -3.22
CA ARG A 161 -11.20 0.09 -2.04
C ARG A 161 -10.05 0.99 -1.67
N LEU A 162 -10.38 2.20 -1.22
CA LEU A 162 -9.38 3.16 -0.79
C LEU A 162 -9.17 3.12 0.70
N PHE A 163 -7.95 2.76 1.12
CA PHE A 163 -7.64 2.72 2.55
C PHE A 163 -6.80 3.93 2.90
N LEU A 164 -7.40 4.87 3.64
CA LEU A 164 -6.71 6.09 4.02
C LEU A 164 -5.94 5.82 5.30
N TYR A 165 -4.62 5.82 5.18
CA TYR A 165 -3.72 5.46 6.27
C TYR A 165 -2.78 6.64 6.52
N GLU A 166 -3.24 7.58 7.34
CA GLU A 166 -2.43 8.74 7.67
C GLU A 166 -1.47 8.37 8.79
N PRO A 167 -0.19 8.72 8.62
CA PRO A 167 0.82 8.36 9.62
C PRO A 167 0.53 8.99 10.99
N ALA A 168 0.50 8.14 12.01
CA ALA A 168 0.25 8.59 13.38
C ALA A 168 1.41 9.44 13.89
N GLY A 169 2.63 8.95 13.68
CA GLY A 169 3.82 9.64 14.12
C GLY A 169 3.98 11.02 13.49
N THR A 170 5.15 11.61 13.68
CA THR A 170 5.46 12.90 13.08
C THR A 170 5.82 12.74 11.62
N GLU A 171 6.59 11.70 11.32
CA GLU A 171 7.19 11.54 10.00
C GLU A 171 6.60 10.38 9.20
N THR A 172 6.33 10.66 7.93
CA THR A 172 5.99 9.62 6.98
C THR A 172 7.24 8.74 6.78
N PHE A 173 7.03 7.49 6.40
CA PHE A 173 8.11 6.51 6.48
C PHE A 173 8.19 5.56 5.28
N SER A 174 7.27 5.71 4.34
CA SER A 174 7.10 4.71 3.30
C SER A 174 7.90 5.03 2.04
N VAL A 175 8.15 4.02 1.22
CA VAL A 175 8.88 4.20 -0.02
C VAL A 175 8.17 5.25 -0.90
N GLU A 176 6.85 5.18 -1.00
CA GLU A 176 6.17 6.11 -1.90
C GLU A 176 6.19 7.55 -1.38
N SER A 177 6.30 7.73 -0.07
CA SER A 177 6.37 9.07 0.53
C SER A 177 7.63 9.86 0.10
N ILE A 178 8.58 9.19 -0.54
CA ILE A 178 9.78 9.90 -1.03
C ILE A 178 9.43 10.89 -2.15
N SER A 179 8.47 10.53 -2.98
CA SER A 179 8.04 11.36 -4.10
C SER A 179 7.06 12.46 -3.66
N LYS A 180 6.80 13.40 -4.55
CA LYS A 180 5.88 14.50 -4.27
C LYS A 180 4.51 13.94 -3.93
N ASN A 181 4.12 12.90 -4.68
CA ASN A 181 2.90 12.15 -4.37
C ASN A 181 3.11 10.69 -4.76
N GLY A 182 2.19 9.83 -4.35
CA GLY A 182 2.28 8.41 -4.63
C GLY A 182 1.15 7.65 -3.95
N ILE A 183 1.10 6.35 -4.20
CA ILE A 183 0.05 5.50 -3.66
C ILE A 183 0.56 4.07 -3.69
N CYS A 184 -0.01 3.21 -2.85
CA CYS A 184 0.34 1.80 -2.86
CA CYS A 184 0.33 1.79 -2.84
C CYS A 184 -0.82 0.98 -3.41
N LEU A 185 -0.52 0.09 -4.35
CA LEU A 185 -1.52 -0.84 -4.83
C LEU A 185 -1.25 -2.17 -4.13
N ALA A 186 -2.18 -2.59 -3.28
CA ALA A 186 -2.04 -3.82 -2.50
C ALA A 186 -3.09 -4.85 -2.91
N MET A 187 -2.66 -6.10 -3.11
CA MET A 187 -3.57 -7.16 -3.50
C MET A 187 -3.35 -8.44 -2.72
N GLY A 188 -4.44 -9.00 -2.22
CA GLY A 188 -4.39 -10.26 -1.50
C GLY A 188 -5.70 -10.97 -1.69
N PRO A 189 -5.79 -12.23 -1.22
CA PRO A 189 -4.69 -12.88 -0.48
C PRO A 189 -3.70 -13.61 -1.37
N GLN A 190 -2.43 -13.56 -0.98
CA GLN A 190 -1.38 -14.33 -1.65
C GLN A 190 -0.32 -14.70 -0.61
N PRO A 191 0.01 -16.00 -0.50
CA PRO A 191 1.09 -16.34 0.42
C PRO A 191 2.38 -15.63 0.01
N GLN A 192 3.18 -15.20 0.97
CA GLN A 192 4.53 -14.75 0.66
C GLN A 192 5.28 -15.84 -0.10
N GLY A 193 6.16 -15.43 -1.01
CA GLY A 193 6.96 -16.38 -1.78
C GLY A 193 6.16 -17.21 -2.78
N VAL A 194 4.88 -16.90 -2.95
CA VAL A 194 4.07 -17.58 -3.97
C VAL A 194 3.62 -16.58 -5.02
N LEU A 195 3.79 -16.92 -6.29
CA LEU A 195 3.22 -16.10 -7.37
C LEU A 195 2.00 -16.78 -7.99
N ARG A 196 0.83 -16.18 -7.79
CA ARG A 196 -0.38 -16.68 -8.43
C ARG A 196 -0.61 -15.97 -9.78
N ALA A 197 -0.95 -16.75 -10.81
CA ALA A 197 -1.18 -16.19 -12.13
C ALA A 197 -2.30 -15.14 -12.08
N ASP A 198 -3.39 -15.46 -11.37
CA ASP A 198 -4.54 -14.56 -11.33
C ASP A 198 -4.21 -13.18 -10.76
N LEU A 199 -3.53 -13.12 -9.63
CA LEU A 199 -3.13 -11.84 -9.06
C LEU A 199 -2.07 -11.11 -9.90
N PHE A 200 -1.15 -11.86 -10.47
CA PHE A 200 -0.13 -11.26 -11.34
C PHE A 200 -0.80 -10.51 -12.49
N SER A 201 -1.71 -11.19 -13.21
CA SER A 201 -2.37 -10.60 -14.36
C SER A 201 -3.22 -9.42 -13.99
N ARG A 202 -3.97 -9.54 -12.90
CA ARG A 202 -4.83 -8.45 -12.46
C ARG A 202 -4.01 -7.23 -12.05
N MET A 203 -2.95 -7.44 -11.26
CA MET A 203 -2.11 -6.31 -10.84
C MET A 203 -1.52 -5.65 -12.09
N ARG A 204 -1.09 -6.48 -13.04
CA ARG A 204 -0.52 -5.99 -14.28
C ARG A 204 -1.52 -5.10 -15.06
N ALA A 205 -2.78 -5.52 -15.11
CA ALA A 205 -3.79 -4.73 -15.83
C ALA A 205 -4.13 -3.46 -15.06
N LEU A 206 -4.18 -3.53 -13.73
CA LEU A 206 -4.48 -2.35 -12.93
C LEU A 206 -3.37 -1.29 -13.04
N VAL A 207 -2.11 -1.72 -13.08
CA VAL A 207 -1.00 -0.81 -13.32
C VAL A 207 -1.18 -0.12 -14.67
N ALA A 208 -1.51 -0.91 -15.68
CA ALA A 208 -1.75 -0.38 -17.02
C ALA A 208 -2.80 0.72 -16.95
N SER A 209 -3.89 0.44 -16.23
CA SER A 209 -4.97 1.42 -16.08
C SER A 209 -4.55 2.66 -15.30
N ILE A 210 -3.73 2.48 -14.27
CA ILE A 210 -3.22 3.63 -13.52
C ILE A 210 -2.36 4.53 -14.42
N LEU A 211 -1.53 3.92 -15.25
CA LEU A 211 -0.74 4.69 -16.21
C LEU A 211 -1.64 5.36 -17.26
N ASP A 212 -2.72 4.69 -17.65
CA ASP A 212 -3.72 5.31 -18.52
C ASP A 212 -4.30 6.57 -17.88
N PHE A 213 -4.56 6.48 -16.58
CA PHE A 213 -5.17 7.58 -15.86
C PHE A 213 -4.26 8.80 -15.86
N ILE A 214 -2.98 8.57 -15.56
CA ILE A 214 -1.98 9.64 -15.54
C ILE A 214 -1.87 10.30 -16.91
N GLU A 215 -1.91 9.47 -17.95
CA GLU A 215 -1.87 9.98 -19.30
C GLU A 215 -3.08 10.89 -19.56
N LEU A 216 -4.27 10.42 -19.18
CA LEU A 216 -5.46 11.24 -19.37
C LEU A 216 -5.34 12.57 -18.63
N PHE A 217 -4.86 12.51 -17.40
CA PHE A 217 -4.62 13.68 -16.58
C PHE A 217 -3.66 14.65 -17.27
N ASN A 218 -2.55 14.12 -17.78
CA ASN A 218 -1.54 14.89 -18.50
C ASN A 218 -2.09 15.56 -19.73
N GLN A 219 -3.06 14.91 -20.38
CA GLN A 219 -3.69 15.46 -21.57
C GLN A 219 -4.68 16.59 -21.26
N GLY A 220 -5.00 16.77 -19.98
CA GLY A 220 -5.85 17.87 -19.57
C GLY A 220 -7.30 17.49 -19.34
N MET A 221 -7.59 16.21 -19.18
CA MET A 221 -8.96 15.78 -18.94
C MET A 221 -9.53 16.35 -17.63
N ASP A 222 -10.73 16.92 -17.71
CA ASP A 222 -11.46 17.37 -16.52
C ASP A 222 -11.95 16.17 -15.72
N LEU A 223 -11.68 16.19 -14.42
CA LEU A 223 -12.21 15.15 -13.54
C LEU A 223 -13.24 15.79 -12.61
N PRO A 224 -14.53 15.55 -12.90
CA PRO A 224 -15.66 16.12 -12.15
C PRO A 224 -15.63 15.71 -10.69
N ALA A 225 -16.08 16.59 -9.80
CA ALA A 225 -16.21 16.28 -8.39
C ALA A 225 -17.22 15.15 -8.20
N PHE A 226 -17.06 14.35 -7.16
CA PHE A 226 -17.89 13.19 -6.94
C PHE A 226 -17.80 12.79 -5.47
N GLU A 227 -18.70 11.90 -5.03
CA GLU A 227 -18.61 11.35 -3.68
C GLU A 227 -18.30 9.86 -3.76
N MET A 228 -17.62 9.35 -2.73
CA MET A 228 -17.26 7.94 -2.67
C MET A 228 -17.02 7.52 -1.23
N ASP A 229 -17.20 6.24 -0.94
CA ASP A 229 -16.86 5.69 0.36
C ASP A 229 -15.39 5.32 0.40
N ILE A 230 -14.72 5.70 1.48
CA ILE A 230 -13.37 5.25 1.74
C ILE A 230 -13.28 4.67 3.15
N TYR A 231 -12.14 4.06 3.46
CA TYR A 231 -11.91 3.45 4.77
C TYR A 231 -10.73 4.11 5.46
N ARG A 232 -10.98 4.76 6.58
CA ARG A 232 -9.95 5.52 7.26
C ARG A 232 -9.46 4.82 8.51
N ASN A 233 -8.15 4.68 8.63
CA ASN A 233 -7.53 3.92 9.72
C ASN A 233 -7.84 4.49 11.09
N LEU A 234 -8.28 3.63 12.00
CA LEU A 234 -8.54 4.02 13.38
C LEU A 234 -7.46 3.52 14.35
N GLY A 235 -6.72 2.50 13.94
CA GLY A 235 -5.75 1.87 14.83
C GLY A 235 -5.75 0.35 14.71
N SER A 236 -4.89 -0.30 15.48
CA SER A 236 -4.70 -1.74 15.36
C SER A 236 -5.22 -2.50 16.57
N VAL A 237 -5.53 -3.78 16.34
CA VAL A 237 -5.79 -4.71 17.43
C VAL A 237 -4.76 -5.82 17.33
N ASP A 238 -4.11 -6.12 18.46
CA ASP A 238 -3.06 -7.13 18.49
C ASP A 238 -3.65 -8.52 18.72
N PHE A 239 -2.88 -9.55 18.37
CA PHE A 239 -3.23 -10.92 18.71
C PHE A 239 -3.32 -11.06 20.22
N PRO A 240 -4.18 -11.98 20.69
CA PRO A 240 -4.23 -12.24 22.14
C PRO A 240 -2.90 -12.87 22.54
N ARG A 241 -2.32 -12.44 23.65
CA ARG A 241 -1.00 -12.96 24.03
C ARG A 241 -0.93 -13.42 25.48
N THR A 242 0.07 -14.27 25.75
CA THR A 242 0.42 -14.64 27.12
C THR A 242 1.18 -13.48 27.74
N ALA A 243 1.50 -13.60 29.02
CA ALA A 243 2.32 -12.58 29.69
C ALA A 243 3.67 -12.41 28.99
N ASP A 244 4.13 -13.47 28.32
CA ASP A 244 5.41 -13.43 27.60
C ASP A 244 5.28 -12.90 26.17
N GLY A 245 4.06 -12.54 25.77
CA GLY A 245 3.84 -12.02 24.44
C GLY A 245 3.84 -13.08 23.34
N ASP A 246 3.73 -14.34 23.74
CA ASP A 246 3.54 -15.42 22.77
C ASP A 246 2.07 -15.49 22.44
N LEU A 247 1.72 -15.89 21.22
CA LEU A 247 0.30 -16.02 20.87
C LEU A 247 -0.41 -16.88 21.90
N ALA A 248 -1.60 -16.45 22.31
CA ALA A 248 -2.47 -17.31 23.11
C ALA A 248 -3.67 -17.77 22.27
N GLY A 249 -3.72 -17.30 21.02
CA GLY A 249 -4.75 -17.70 20.09
C GLY A 249 -4.57 -17.01 18.75
N THR A 250 -5.54 -17.15 17.86
CA THR A 250 -5.44 -16.45 16.58
C THR A 250 -6.79 -15.90 16.09
N VAL A 251 -6.78 -15.32 14.90
CA VAL A 251 -7.97 -14.70 14.34
C VAL A 251 -9.10 -15.72 14.29
N HIS A 252 -10.27 -15.30 14.75
CA HIS A 252 -11.42 -16.20 14.88
C HIS A 252 -11.86 -16.58 13.47
N PRO A 253 -12.33 -17.83 13.30
CA PRO A 253 -12.81 -18.29 11.99
C PRO A 253 -13.87 -17.38 11.37
N GLN A 254 -14.70 -16.76 12.19
CA GLN A 254 -15.73 -15.87 11.65
C GLN A 254 -15.18 -14.51 11.20
N LEU A 255 -13.98 -14.15 11.66
CA LEU A 255 -13.38 -12.88 11.25
C LEU A 255 -12.40 -13.10 10.08
N GLN A 256 -11.71 -14.22 10.11
CA GLN A 256 -10.74 -14.59 9.09
C GLN A 256 -11.34 -14.39 7.71
N ASP A 257 -10.60 -13.70 6.83
CA ASP A 257 -10.97 -13.53 5.41
C ASP A 257 -12.12 -12.55 5.19
N HIS A 258 -12.51 -11.82 6.22
CA HIS A 258 -13.64 -10.89 6.06
C HIS A 258 -13.22 -9.44 6.11
N ASP A 259 -12.08 -9.13 5.48
CA ASP A 259 -11.61 -7.75 5.41
C ASP A 259 -12.68 -6.82 4.79
N PHE A 260 -12.79 -5.62 5.34
CA PHE A 260 -13.70 -4.58 4.88
C PHE A 260 -15.17 -4.87 5.20
N GLU A 261 -15.45 -5.98 5.88
CA GLU A 261 -16.83 -6.24 6.26
C GLU A 261 -17.09 -5.67 7.65
N PRO A 262 -18.34 -5.33 7.96
CA PRO A 262 -18.64 -4.70 9.25
C PRO A 262 -18.27 -5.62 10.41
N LEU A 263 -17.63 -5.07 11.43
CA LEU A 263 -17.40 -5.81 12.66
C LEU A 263 -18.15 -5.09 13.75
N ARG A 264 -19.04 -5.81 14.42
CA ARG A 264 -19.93 -5.19 15.38
C ARG A 264 -19.57 -5.64 16.78
N PRO A 265 -19.73 -4.74 17.76
CA PRO A 265 -19.49 -5.05 19.17
C PRO A 265 -20.23 -6.34 19.55
N GLY A 266 -19.59 -7.19 20.34
CA GLY A 266 -20.17 -8.47 20.71
C GLY A 266 -19.77 -9.62 19.79
N GLU A 267 -19.32 -9.29 18.58
CA GLU A 267 -18.92 -10.33 17.63
C GLU A 267 -17.52 -10.88 17.96
N PRO A 268 -17.30 -12.18 17.68
CA PRO A 268 -16.01 -12.83 18.00
C PRO A 268 -14.87 -12.43 17.05
N ILE A 269 -13.72 -12.12 17.62
CA ILE A 269 -12.57 -11.73 16.81
C ILE A 269 -11.37 -12.66 16.99
N PHE A 270 -11.30 -13.36 18.12
CA PHE A 270 -10.22 -14.34 18.32
C PHE A 270 -10.74 -15.65 18.87
N LYS A 271 -10.02 -16.72 18.52
CA LYS A 271 -10.21 -18.04 19.13
C LYS A 271 -8.93 -18.38 19.90
N LEU A 272 -9.05 -18.52 21.22
CA LEU A 272 -7.89 -18.88 22.04
C LEU A 272 -7.57 -20.37 21.94
N PHE A 273 -6.31 -20.74 22.17
CA PHE A 273 -5.95 -22.16 22.14
C PHE A 273 -6.68 -22.94 23.22
N SER A 274 -7.06 -22.25 24.30
CA SER A 274 -7.80 -22.88 25.39
C SER A 274 -9.24 -23.16 24.98
N GLY A 275 -9.66 -22.62 23.83
CA GLY A 275 -11.00 -22.86 23.31
C GLY A 275 -12.01 -21.73 23.47
N GLU A 276 -11.69 -20.75 24.31
CA GLU A 276 -12.58 -19.61 24.53
C GLU A 276 -12.62 -18.67 23.33
N ASP A 277 -13.71 -17.93 23.18
CA ASP A 277 -13.82 -16.88 22.17
C ASP A 277 -13.58 -15.52 22.80
N VAL A 278 -12.88 -14.65 22.07
CA VAL A 278 -12.73 -13.26 22.47
C VAL A 278 -13.61 -12.40 21.58
N LEU A 279 -14.38 -11.51 22.21
CA LEU A 279 -15.34 -10.70 21.49
C LEU A 279 -14.81 -9.29 21.31
N TYR A 280 -15.18 -8.66 20.20
CA TYR A 280 -14.89 -7.24 20.01
C TYR A 280 -15.60 -6.39 21.07
N GLU A 281 -14.86 -5.53 21.77
CA GLU A 281 -15.42 -4.72 22.85
C GLU A 281 -15.55 -3.24 22.52
N GLY A 282 -15.45 -2.90 21.25
CA GLY A 282 -15.56 -1.51 20.84
C GLY A 282 -16.97 -0.95 20.99
N ASP A 283 -17.08 0.39 20.90
CA ASP A 283 -18.36 1.08 21.02
C ASP A 283 -19.09 1.16 19.69
N SER A 284 -18.35 1.05 18.60
CA SER A 284 -18.93 1.24 17.27
C SER A 284 -18.61 0.12 16.30
N ILE A 285 -19.42 0.03 15.25
CA ILE A 285 -19.13 -0.85 14.13
C ILE A 285 -17.89 -0.34 13.44
N VAL A 286 -16.91 -1.21 13.21
CA VAL A 286 -15.70 -0.83 12.48
C VAL A 286 -15.48 -1.78 11.32
N TYR A 287 -14.50 -1.49 10.49
CA TYR A 287 -14.24 -2.28 9.30
C TYR A 287 -12.80 -2.79 9.31
N PRO A 288 -12.62 -4.06 9.68
CA PRO A 288 -11.29 -4.65 9.83
C PRO A 288 -10.60 -4.80 8.50
N VAL A 289 -9.32 -4.43 8.46
CA VAL A 289 -8.53 -4.53 7.27
C VAL A 289 -7.18 -5.15 7.60
N PHE A 290 -6.63 -5.93 6.65
CA PHE A 290 -5.39 -6.67 6.86
C PHE A 290 -5.50 -7.66 8.02
N ILE A 291 -6.57 -8.46 7.97
CA ILE A 291 -6.81 -9.50 8.96
C ILE A 291 -5.85 -10.67 8.75
N ASN A 292 -4.99 -10.92 9.75
CA ASN A 292 -4.06 -12.06 9.72
C ASN A 292 -3.02 -11.98 8.59
N GLU A 293 -2.29 -10.85 8.56
CA GLU A 293 -1.15 -10.64 7.68
C GLU A 293 0.13 -11.22 8.32
N ALA A 294 0.82 -12.13 7.61
CA ALA A 294 2.04 -12.76 8.12
C ALA A 294 3.08 -11.76 8.67
N ALA A 295 3.30 -10.69 7.91
CA ALA A 295 4.31 -9.69 8.24
C ALA A 295 3.92 -8.86 9.45
N TYR A 296 2.66 -8.95 9.86
CA TYR A 296 2.19 -8.09 10.96
C TYR A 296 2.24 -8.75 12.34
N TYR A 297 2.50 -10.06 12.38
CA TYR A 297 2.65 -10.76 13.67
C TYR A 297 3.67 -10.02 14.53
N GLU A 298 4.86 -9.79 13.98
CA GLU A 298 5.92 -9.11 14.74
C GLU A 298 5.60 -7.64 15.04
N LYS A 299 4.72 -7.03 14.24
CA LYS A 299 4.33 -5.63 14.49
C LYS A 299 3.18 -5.58 15.50
N HIS A 300 2.81 -6.74 16.03
CA HIS A 300 1.70 -6.84 16.98
C HIS A 300 0.37 -6.34 16.40
N VAL A 301 0.10 -6.71 15.14
CA VAL A 301 -1.16 -6.32 14.52
C VAL A 301 -1.89 -7.54 13.93
N ALA A 302 -3.03 -7.87 14.52
CA ALA A 302 -3.89 -8.95 14.02
C ALA A 302 -4.81 -8.37 12.95
N PHE A 303 -5.21 -7.12 13.13
CA PHE A 303 -5.91 -6.36 12.09
C PHE A 303 -5.92 -4.88 12.43
N LEU A 304 -6.10 -4.05 11.41
CA LEU A 304 -6.36 -2.62 11.61
C LEU A 304 -7.86 -2.36 11.64
N LYS A 305 -8.30 -1.45 12.51
CA LYS A 305 -9.69 -1.02 12.52
C LYS A 305 -9.80 0.20 11.64
N SER A 306 -10.83 0.27 10.79
CA SER A 306 -11.07 1.46 9.99
C SER A 306 -12.52 1.88 10.10
N GLU A 307 -12.77 3.18 9.90
CA GLU A 307 -14.14 3.68 9.80
C GLU A 307 -14.47 3.93 8.34
N LYS A 308 -15.63 3.47 7.92
CA LYS A 308 -16.09 3.68 6.55
C LYS A 308 -16.79 5.04 6.46
N ILE A 309 -16.26 5.92 5.61
CA ILE A 309 -16.79 7.27 5.54
C ILE A 309 -17.04 7.70 4.11
N ARG A 310 -18.10 8.46 3.90
CA ARG A 310 -18.38 8.99 2.57
C ARG A 310 -17.73 10.36 2.45
N VAL A 311 -16.84 10.53 1.48
CA VAL A 311 -16.21 11.82 1.33
C VAL A 311 -16.50 12.45 -0.01
N THR A 312 -16.41 13.77 -0.03
CA THR A 312 -16.67 14.53 -1.22
C THR A 312 -15.33 14.91 -1.82
N VAL A 313 -15.13 14.55 -3.08
CA VAL A 313 -13.87 14.76 -3.77
C VAL A 313 -14.01 15.90 -4.76
N PRO A 314 -13.24 16.98 -4.56
CA PRO A 314 -13.31 18.15 -5.45
C PRO A 314 -12.92 17.78 -6.86
N ALA A 315 -13.34 18.61 -7.81
CA ALA A 315 -13.03 18.40 -9.20
C ALA A 315 -11.56 18.75 -9.49
N LEU A 316 -10.97 18.02 -10.43
CA LEU A 316 -9.68 18.43 -10.99
C LEU A 316 -9.91 18.81 -12.45
N LEU A 317 -9.93 20.11 -12.70
CA LEU A 317 -10.22 20.60 -14.04
C LEU A 317 -8.96 21.21 -14.60
N ARG A 318 -8.84 21.19 -15.91
CA ARG A 318 -7.72 21.83 -16.56
C ARG A 318 -7.75 23.34 -16.28
N LEU A 319 -8.95 23.94 -16.36
CA LEU A 319 -9.11 25.37 -16.10
C LEU A 319 -10.21 25.71 -15.10
N THR A 320 -10.11 26.88 -14.47
CA THR A 320 -11.04 27.31 -13.44
C THR A 320 -12.40 27.74 -13.99
ZN ZN B . 4.11 -5.14 1.52
CL CL C . -8.01 -12.02 6.05
CL CL D . -12.79 10.40 -11.50
O1 3NF E . 3.43 -4.99 3.72
C2 3NF E . 2.23 -5.07 3.89
C3 3NF E . 1.50 -6.36 4.06
N4 3NF E . 1.49 -3.97 3.97
C5 3NF E . 2.08 -2.67 3.73
C6 3NF E . 3.02 -2.28 4.85
O7 3NF E . 2.70 -2.58 6.03
OXT 3NF E . 4.09 -1.68 4.59
C9 3NF E . 0.91 -1.70 3.49
C10 3NF E . 1.28 -0.23 3.61
C11 3NF E . 1.35 0.33 4.86
C12 3NF E . 1.66 1.67 5.01
C13 3NF E . 1.91 2.44 3.89
C14 3NF E . 1.84 1.89 2.62
C15 3NF E . 1.52 0.55 2.48
O16 3NF E . 2.21 3.75 4.08
#